data_5H38
#
_entry.id   5H38
#
_cell.length_a   61.518
_cell.length_b   80.545
_cell.length_c   65.602
_cell.angle_alpha   90.000
_cell.angle_beta   110.690
_cell.angle_gamma   90.000
#
_symmetry.space_group_name_H-M   'P 1 21 1'
#
loop_
_entity.id
_entity.type
_entity.pdbx_description
1 polymer ORF70
2 non-polymer 'PHOSPHATE ION'
3 water water
#
_entity_poly.entity_id   1
_entity_poly.type   'polypeptide(L)'
_entity_poly.pdbx_seq_one_letter_code
;PHEELQYLRQLREILCRGSDRLDRTGIGTLSLFGMQARYSLRDHFPLLTTKRVFWRGVVQELLWFLKGSTDSRELSRTGV
KIWDKNGSREFLAGRGLAHRREGDLGPVYGFQWRHFGAAYVDADADYTGQGFDQLSYIVDLIKNNPHDRRIIMCAWNPAD
LSLMALPPCHLLCQFYVADGELSCQLYQRSGDMGLGVPFNIASYSLLTYMLAHVTGLRPGEFIHTLGDAHIYKTHIEPLR
LQLTRTPRPFPRLEILRSVSSMEEFTPDDFRLVDYCPHPTIRME
;
_entity_poly.pdbx_strand_id   A,B
#
loop_
_chem_comp.id
_chem_comp.type
_chem_comp.name
_chem_comp.formula
PO4 non-polymer 'PHOSPHATE ION' 'O4 P -3'
#
# COMPACT_ATOMS: atom_id res chain seq x y z
N PRO A 1 7.52 -8.96 25.19
CA PRO A 1 6.23 -8.34 25.42
C PRO A 1 5.15 -8.94 24.50
N HIS A 2 3.95 -9.06 25.03
CA HIS A 2 2.82 -9.61 24.28
C HIS A 2 2.55 -8.73 23.06
N GLU A 3 2.48 -9.34 21.88
CA GLU A 3 2.29 -8.57 20.64
C GLU A 3 0.97 -7.79 20.60
N GLU A 4 -0.03 -8.25 21.35
CA GLU A 4 -1.31 -7.54 21.41
C GLU A 4 -1.16 -6.13 21.99
N LEU A 5 -0.09 -5.90 22.76
CA LEU A 5 0.14 -4.59 23.35
C LEU A 5 0.39 -3.53 22.27
N GLN A 6 0.84 -3.95 21.08
CA GLN A 6 0.97 -3.01 19.96
C GLN A 6 -0.38 -2.37 19.61
N TYR A 7 -1.40 -3.22 19.43
CA TYR A 7 -2.74 -2.72 19.15
C TYR A 7 -3.28 -1.86 20.29
N LEU A 8 -3.06 -2.29 21.53
CA LEU A 8 -3.56 -1.53 22.65
C LEU A 8 -2.84 -0.18 22.76
N ARG A 9 -1.53 -0.18 22.49
CA ARG A 9 -0.78 1.08 22.47
C ARG A 9 -1.29 1.99 21.35
N GLN A 10 -1.68 1.42 20.21
CA GLN A 10 -2.24 2.23 19.14
C GLN A 10 -3.54 2.91 19.56
N LEU A 11 -4.42 2.16 20.24
CA LEU A 11 -5.64 2.74 20.82
C LEU A 11 -5.32 3.89 21.76
N ARG A 12 -4.39 3.66 22.68
CA ARG A 12 -4.01 4.68 23.66
C ARG A 12 -3.52 5.93 22.95
N GLU A 13 -2.68 5.75 21.94
CA GLU A 13 -2.15 6.91 21.22
C GLU A 13 -3.24 7.72 20.53
N ILE A 14 -4.21 7.05 19.90
CA ILE A 14 -5.30 7.77 19.26
C ILE A 14 -6.15 8.50 20.29
N LEU A 15 -6.43 7.85 21.41
CA LEU A 15 -7.24 8.47 22.46
C LEU A 15 -6.54 9.67 23.06
N CYS A 16 -5.21 9.61 23.13
CA CYS A 16 -4.42 10.67 23.75
C CYS A 16 -4.19 11.86 22.84
N ARG A 17 -3.76 11.61 21.60
CA ARG A 17 -3.33 12.71 20.74
C ARG A 17 -3.93 12.64 19.32
N GLY A 18 -4.96 11.83 19.15
CA GLY A 18 -5.65 11.78 17.87
C GLY A 18 -6.35 13.06 17.52
N SER A 19 -6.35 13.39 16.23
CA SER A 19 -7.07 14.56 15.73
C SER A 19 -8.57 14.30 15.75
N ASP A 20 -9.34 15.25 16.27
CA ASP A 20 -10.80 15.17 16.31
C ASP A 20 -11.36 15.83 15.05
N ARG A 21 -11.93 15.04 14.15
CA ARG A 21 -12.39 15.57 12.86
C ARG A 21 -13.80 15.10 12.53
N LEU A 22 -14.58 15.98 11.90
CA LEU A 22 -15.88 15.63 11.33
C LEU A 22 -15.75 15.48 9.81
N ASP A 23 -16.43 14.50 9.22
CA ASP A 23 -16.45 14.44 7.76
C ASP A 23 -17.72 15.08 7.23
N ARG A 24 -17.90 15.04 5.91
CA ARG A 24 -19.00 15.73 5.24
C ARG A 24 -20.36 15.15 5.64
N THR A 25 -20.36 13.91 6.11
CA THR A 25 -21.60 13.26 6.52
C THR A 25 -21.91 13.51 8.00
N GLY A 26 -21.07 14.32 8.64
CA GLY A 26 -21.33 14.79 10.00
C GLY A 26 -20.96 13.85 11.13
N ILE A 27 -20.17 12.83 10.84
CA ILE A 27 -19.76 11.89 11.88
C ILE A 27 -18.32 12.18 12.30
N GLY A 28 -18.06 12.07 13.60
CA GLY A 28 -16.76 12.42 14.15
C GLY A 28 -15.91 11.23 14.54
N THR A 29 -14.59 11.36 14.34
CA THR A 29 -13.63 10.35 14.76
C THR A 29 -12.44 11.01 15.41
N LEU A 30 -11.74 10.24 16.25
CA LEU A 30 -10.36 10.55 16.61
C LEU A 30 -9.46 9.74 15.71
N SER A 31 -8.39 10.33 15.17
CA SER A 31 -7.53 9.57 14.27
C SER A 31 -6.07 9.96 14.29
N LEU A 32 -5.23 9.00 13.94
CA LEU A 32 -3.84 9.27 13.61
C LEU A 32 -3.57 8.66 12.25
N PHE A 33 -2.52 9.15 11.61
CA PHE A 33 -2.20 8.71 10.26
C PHE A 33 -0.82 8.08 10.20
N GLY A 34 -0.76 6.81 9.77
CA GLY A 34 0.52 6.15 9.57
C GLY A 34 0.94 5.39 10.81
N MET A 35 0.71 4.09 10.81
CA MET A 35 1.10 3.23 11.92
C MET A 35 1.59 1.90 11.39
N GLN A 36 2.41 1.19 12.17
CA GLN A 36 2.81 -0.14 11.76
C GLN A 36 2.99 -1.05 12.97
N ALA A 37 2.57 -2.30 12.85
CA ALA A 37 2.75 -3.28 13.93
C ALA A 37 3.15 -4.61 13.31
N ARG A 38 3.80 -5.46 14.09
CA ARG A 38 4.27 -6.77 13.59
C ARG A 38 3.76 -7.89 14.48
N TYR A 39 3.19 -8.92 13.87
CA TYR A 39 2.65 -10.05 14.61
C TYR A 39 3.29 -11.34 14.12
N SER A 40 3.94 -12.06 15.03
CA SER A 40 4.57 -13.32 14.66
C SER A 40 3.50 -14.37 14.39
N LEU A 41 3.75 -15.22 13.38
CA LEU A 41 2.82 -16.26 13.00
C LEU A 41 3.42 -17.64 13.29
N ARG A 42 4.66 -17.64 13.79
CA ARG A 42 5.43 -18.88 13.89
C ARG A 42 4.91 -19.87 14.93
N ASP A 43 4.82 -19.43 16.17
CA ASP A 43 4.46 -20.28 17.28
C ASP A 43 3.02 -20.08 17.76
N HIS A 44 2.35 -19.07 17.20
CA HIS A 44 1.00 -18.75 17.63
C HIS A 44 0.25 -18.04 16.51
N PHE A 45 -1.06 -17.92 16.66
CA PHE A 45 -1.91 -17.20 15.73
C PHE A 45 -2.46 -15.95 16.42
N PRO A 46 -2.28 -14.76 15.83
CA PRO A 46 -2.59 -13.52 16.57
C PRO A 46 -4.05 -13.13 16.55
N LEU A 47 -4.89 -13.97 17.13
CA LEU A 47 -6.29 -13.64 17.33
C LEU A 47 -6.38 -12.91 18.67
N LEU A 48 -6.79 -11.64 18.64
CA LEU A 48 -6.71 -10.82 19.85
C LEU A 48 -7.54 -11.38 21.00
N THR A 49 -7.07 -11.14 22.22
CA THR A 49 -7.66 -11.74 23.40
C THR A 49 -8.32 -10.78 24.38
N THR A 50 -8.12 -9.47 24.21
CA THR A 50 -8.74 -8.55 25.17
C THR A 50 -10.20 -8.33 24.84
N LYS A 51 -10.65 -8.90 23.73
CA LYS A 51 -12.07 -9.13 23.50
C LYS A 51 -12.21 -10.37 22.60
N ARG A 52 -13.39 -10.96 22.56
CA ARG A 52 -13.60 -12.12 21.69
C ARG A 52 -13.82 -11.67 20.25
N VAL A 53 -12.93 -12.12 19.36
CA VAL A 53 -12.96 -11.78 17.94
C VAL A 53 -13.84 -12.81 17.24
N PHE A 54 -14.60 -12.38 16.26
CA PHE A 54 -15.56 -13.20 15.54
C PHE A 54 -14.88 -14.15 14.52
N TRP A 55 -14.17 -15.13 15.04
CA TRP A 55 -13.41 -16.08 14.22
C TRP A 55 -14.23 -16.81 13.15
N ARG A 56 -15.45 -17.23 13.49
CA ARG A 56 -16.31 -17.90 12.52
C ARG A 56 -16.51 -17.01 11.28
N GLY A 57 -16.66 -15.70 11.53
CA GLY A 57 -16.83 -14.76 10.44
C GLY A 57 -15.55 -14.57 9.65
N VAL A 58 -14.43 -14.52 10.34
CA VAL A 58 -13.13 -14.34 9.68
C VAL A 58 -12.94 -15.44 8.63
N VAL A 59 -13.19 -16.68 9.05
CA VAL A 59 -12.94 -17.83 8.21
C VAL A 59 -13.90 -17.85 7.04
N GLN A 60 -15.20 -17.76 7.29
CA GLN A 60 -16.15 -17.82 6.18
C GLN A 60 -15.96 -16.67 5.20
N GLU A 61 -15.73 -15.46 5.72
CA GLU A 61 -15.55 -14.32 4.84
C GLU A 61 -14.35 -14.50 3.91
N LEU A 62 -13.22 -14.96 4.44
CA LEU A 62 -12.03 -15.12 3.60
C LEU A 62 -12.22 -16.19 2.52
N LEU A 63 -12.81 -17.32 2.87
CA LEU A 63 -13.04 -18.37 1.88
C LEU A 63 -13.99 -17.90 0.79
N TRP A 64 -14.96 -17.08 1.19
CA TRP A 64 -15.92 -16.50 0.29
C TRP A 64 -15.23 -15.62 -0.74
N PHE A 65 -14.34 -14.75 -0.28
CA PHE A 65 -13.62 -13.88 -1.20
C PHE A 65 -12.67 -14.65 -2.11
N LEU A 66 -12.01 -15.65 -1.56
CA LEU A 66 -11.01 -16.41 -2.31
C LEU A 66 -11.60 -17.11 -3.52
N LYS A 67 -12.86 -17.53 -3.42
CA LYS A 67 -13.51 -18.15 -4.59
C LYS A 67 -14.09 -17.12 -5.57
N GLY A 68 -13.89 -15.83 -5.29
CA GLY A 68 -14.24 -14.77 -6.22
C GLY A 68 -15.66 -14.25 -6.12
N SER A 69 -16.38 -14.67 -5.08
CA SER A 69 -17.78 -14.26 -4.97
C SER A 69 -17.95 -12.76 -4.70
N THR A 70 -18.96 -12.17 -5.31
CA THR A 70 -19.41 -10.82 -4.95
C THR A 70 -20.88 -10.84 -4.54
N ASP A 71 -21.35 -12.00 -4.12
CA ASP A 71 -22.74 -12.22 -3.73
C ASP A 71 -22.87 -12.41 -2.21
N SER A 72 -23.39 -11.38 -1.52
CA SER A 72 -23.52 -11.48 -0.07
C SER A 72 -24.44 -12.63 0.35
N ARG A 73 -25.34 -13.03 -0.53
CA ARG A 73 -26.25 -14.12 -0.20
C ARG A 73 -25.55 -15.47 -0.04
N GLU A 74 -24.48 -15.68 -0.78
CA GLU A 74 -23.79 -16.94 -0.63
C GLU A 74 -23.02 -16.94 0.72
N LEU A 75 -22.53 -15.79 1.18
CA LEU A 75 -21.90 -15.77 2.49
C LEU A 75 -22.96 -15.96 3.55
N SER A 76 -24.09 -15.27 3.38
CA SER A 76 -25.19 -15.33 4.34
C SER A 76 -25.70 -16.76 4.55
N ARG A 77 -25.69 -17.56 3.50
CA ARG A 77 -26.16 -18.97 3.58
C ARG A 77 -25.29 -19.83 4.48
N THR A 78 -24.04 -19.40 4.69
CA THR A 78 -23.12 -20.12 5.57
C THR A 78 -23.40 -19.82 7.03
N GLY A 79 -24.23 -18.81 7.28
CA GLY A 79 -24.55 -18.40 8.63
C GLY A 79 -23.85 -17.13 9.06
N VAL A 80 -23.03 -16.57 8.17
CA VAL A 80 -22.30 -15.34 8.50
C VAL A 80 -22.97 -14.17 7.80
N LYS A 81 -23.41 -13.19 8.58
CA LYS A 81 -24.31 -12.15 8.06
C LYS A 81 -23.66 -10.79 7.89
N ILE A 82 -22.34 -10.72 8.02
CA ILE A 82 -21.72 -9.40 8.13
C ILE A 82 -21.73 -8.57 6.84
N TRP A 83 -22.03 -9.18 5.69
CA TRP A 83 -22.15 -8.39 4.46
C TRP A 83 -23.60 -8.17 4.03
N ASP A 84 -24.54 -8.61 4.86
CA ASP A 84 -25.94 -8.62 4.44
C ASP A 84 -26.50 -7.20 4.36
N LYS A 85 -26.07 -6.33 5.26
CA LYS A 85 -26.49 -4.95 5.21
C LYS A 85 -26.03 -4.29 3.90
N ASN A 86 -24.78 -4.55 3.54
CA ASN A 86 -24.24 -3.95 2.32
C ASN A 86 -24.84 -4.53 1.05
N GLY A 87 -25.39 -5.74 1.15
CA GLY A 87 -25.97 -6.40 -0.01
C GLY A 87 -27.47 -6.17 -0.15
N SER A 88 -28.07 -5.46 0.80
CA SER A 88 -29.51 -5.27 0.78
C SER A 88 -29.91 -4.31 -0.33
N ARG A 89 -31.12 -4.49 -0.87
CA ARG A 89 -31.56 -3.65 -1.96
C ARG A 89 -31.65 -2.21 -1.51
N GLU A 90 -31.98 -1.98 -0.24
CA GLU A 90 -32.09 -0.62 0.24
C GLU A 90 -30.72 0.03 0.40
N PHE A 91 -29.72 -0.72 0.86
CA PHE A 91 -28.35 -0.18 0.89
C PHE A 91 -27.87 0.18 -0.52
N LEU A 92 -28.05 -0.76 -1.45
CA LEU A 92 -27.62 -0.55 -2.82
C LEU A 92 -28.33 0.67 -3.43
N ALA A 93 -29.61 0.82 -3.13
CA ALA A 93 -30.36 1.99 -3.57
C ALA A 93 -29.75 3.28 -3.03
N GLY A 94 -29.39 3.26 -1.75
CA GLY A 94 -28.75 4.40 -1.11
C GLY A 94 -27.43 4.76 -1.76
N ARG A 95 -26.76 3.75 -2.30
CA ARG A 95 -25.47 3.95 -3.00
C ARG A 95 -25.63 4.52 -4.41
N GLY A 96 -26.86 4.52 -4.92
CA GLY A 96 -27.10 4.91 -6.30
C GLY A 96 -26.95 3.73 -7.25
N LEU A 97 -27.09 2.53 -6.71
CA LEU A 97 -27.02 1.30 -7.52
C LEU A 97 -28.32 0.49 -7.40
N ALA A 98 -29.47 1.15 -7.57
CA ALA A 98 -30.77 0.50 -7.37
C ALA A 98 -31.06 -0.62 -8.37
N HIS A 99 -30.33 -0.63 -9.47
CA HIS A 99 -30.50 -1.60 -10.56
C HIS A 99 -30.08 -3.04 -10.26
N ARG A 100 -30.12 -3.46 -9.01
CA ARG A 100 -29.51 -4.75 -8.66
C ARG A 100 -30.40 -5.67 -7.84
N ARG A 101 -30.12 -6.96 -7.95
CA ARG A 101 -30.77 -7.91 -7.05
C ARG A 101 -30.09 -7.87 -5.71
N GLU A 102 -30.85 -8.23 -4.67
CA GLU A 102 -30.29 -8.37 -3.34
C GLU A 102 -29.07 -9.26 -3.39
N GLY A 103 -27.98 -8.79 -2.77
CA GLY A 103 -26.77 -9.58 -2.66
C GLY A 103 -25.65 -9.17 -3.59
N ASP A 104 -25.97 -8.40 -4.63
CA ASP A 104 -24.97 -8.08 -5.65
C ASP A 104 -24.13 -6.90 -5.20
N LEU A 105 -22.97 -7.19 -4.62
CA LEU A 105 -22.13 -6.16 -4.01
C LEU A 105 -21.33 -5.34 -5.02
N GLY A 106 -21.30 -5.78 -6.27
CA GLY A 106 -20.45 -5.14 -7.26
C GLY A 106 -19.04 -5.70 -7.21
N PRO A 107 -18.10 -5.05 -7.89
CA PRO A 107 -16.75 -5.60 -8.06
C PRO A 107 -15.88 -5.39 -6.81
N VAL A 108 -16.29 -6.01 -5.70
CA VAL A 108 -15.52 -5.91 -4.44
C VAL A 108 -14.42 -6.99 -4.40
N TYR A 109 -13.88 -7.28 -3.22
CA TYR A 109 -12.68 -8.12 -3.10
C TYR A 109 -12.62 -9.36 -3.99
N GLY A 110 -13.66 -10.20 -3.92
CA GLY A 110 -13.68 -11.43 -4.70
C GLY A 110 -13.42 -11.21 -6.19
N PHE A 111 -14.03 -10.18 -6.74
CA PHE A 111 -13.87 -9.86 -8.16
C PHE A 111 -12.48 -9.31 -8.45
N GLN A 112 -11.99 -8.41 -7.59
CA GLN A 112 -10.67 -7.84 -7.81
C GLN A 112 -9.58 -8.89 -7.70
N TRP A 113 -9.70 -9.78 -6.72
CA TRP A 113 -8.68 -10.80 -6.50
C TRP A 113 -8.57 -11.80 -7.64
N ARG A 114 -9.71 -12.16 -8.23
CA ARG A 114 -9.72 -13.23 -9.23
C ARG A 114 -9.84 -12.73 -10.68
N HIS A 115 -10.28 -11.49 -10.85
CA HIS A 115 -10.59 -10.94 -12.18
C HIS A 115 -10.26 -9.46 -12.35
N PHE A 116 -9.11 -9.02 -11.82
CA PHE A 116 -8.77 -7.60 -11.85
C PHE A 116 -8.75 -7.03 -13.28
N GLY A 117 -9.52 -5.96 -13.49
CA GLY A 117 -9.52 -5.25 -14.76
C GLY A 117 -10.59 -5.74 -15.70
N ALA A 118 -11.32 -6.79 -15.30
CA ALA A 118 -12.42 -7.29 -16.12
C ALA A 118 -13.63 -6.36 -16.02
N ALA A 119 -14.54 -6.46 -16.98
CA ALA A 119 -15.76 -5.67 -16.97
C ALA A 119 -16.84 -6.29 -16.08
N TYR A 120 -17.22 -5.61 -15.01
CA TYR A 120 -18.23 -6.19 -14.11
C TYR A 120 -19.61 -6.13 -14.73
N VAL A 121 -20.36 -7.21 -14.61
CA VAL A 121 -21.74 -7.23 -15.07
C VAL A 121 -22.66 -7.34 -13.86
N ASP A 122 -22.75 -8.54 -13.28
CA ASP A 122 -23.45 -8.70 -12.01
C ASP A 122 -22.87 -9.89 -11.24
N ALA A 123 -23.48 -10.23 -10.11
CA ALA A 123 -22.91 -11.24 -9.23
C ALA A 123 -23.20 -12.66 -9.72
N ASP A 124 -24.02 -12.78 -10.76
CA ASP A 124 -24.33 -14.09 -11.32
C ASP A 124 -23.55 -14.40 -12.59
N ALA A 125 -22.82 -13.41 -13.11
CA ALA A 125 -22.10 -13.59 -14.37
C ALA A 125 -20.92 -14.57 -14.25
N ASP A 126 -20.61 -15.24 -15.36
CA ASP A 126 -19.44 -16.10 -15.44
C ASP A 126 -18.26 -15.29 -15.97
N TYR A 127 -17.25 -15.10 -15.14
CA TYR A 127 -16.09 -14.30 -15.52
C TYR A 127 -14.87 -15.16 -15.82
N THR A 128 -15.09 -16.46 -16.00
CA THR A 128 -14.00 -17.39 -16.28
C THR A 128 -13.12 -16.89 -17.41
N GLY A 129 -11.82 -16.81 -17.15
CA GLY A 129 -10.86 -16.37 -18.14
C GLY A 129 -10.85 -14.88 -18.41
N GLN A 130 -11.62 -14.12 -17.63
CA GLN A 130 -11.62 -12.67 -17.77
C GLN A 130 -10.82 -12.02 -16.65
N GLY A 131 -10.07 -10.99 -17.00
CA GLY A 131 -9.33 -10.22 -16.01
C GLY A 131 -8.06 -10.92 -15.56
N PHE A 132 -7.38 -10.33 -14.59
CA PHE A 132 -6.11 -10.84 -14.08
C PHE A 132 -6.35 -11.56 -12.76
N ASP A 133 -6.03 -12.84 -12.72
CA ASP A 133 -6.24 -13.65 -11.53
C ASP A 133 -5.06 -13.45 -10.58
N GLN A 134 -5.22 -12.52 -9.63
CA GLN A 134 -4.14 -12.19 -8.72
C GLN A 134 -3.80 -13.31 -7.74
N LEU A 135 -4.78 -14.14 -7.39
CA LEU A 135 -4.55 -15.22 -6.44
C LEU A 135 -3.65 -16.25 -7.10
N SER A 136 -3.98 -16.63 -8.33
CA SER A 136 -3.13 -17.59 -9.04
C SER A 136 -1.73 -17.03 -9.25
N TYR A 137 -1.66 -15.73 -9.54
CA TYR A 137 -0.41 -15.01 -9.72
C TYR A 137 0.50 -15.12 -8.49
N ILE A 138 -0.02 -14.82 -7.30
CA ILE A 138 0.85 -14.85 -6.12
C ILE A 138 1.22 -16.27 -5.70
N VAL A 139 0.32 -17.23 -5.87
CA VAL A 139 0.63 -18.62 -5.53
C VAL A 139 1.78 -19.11 -6.42
N ASP A 140 1.72 -18.81 -7.71
CA ASP A 140 2.80 -19.20 -8.62
C ASP A 140 4.14 -18.56 -8.26
N LEU A 141 4.13 -17.29 -7.88
CA LEU A 141 5.37 -16.65 -7.51
C LEU A 141 5.95 -17.22 -6.23
N ILE A 142 5.11 -17.46 -5.23
CA ILE A 142 5.62 -17.99 -3.96
C ILE A 142 6.24 -19.37 -4.19
N LYS A 143 5.64 -20.15 -5.07
CA LYS A 143 6.12 -21.50 -5.39
C LYS A 143 7.39 -21.51 -6.23
N ASN A 144 7.40 -20.69 -7.29
CA ASN A 144 8.42 -20.81 -8.34
C ASN A 144 9.43 -19.67 -8.42
N ASN A 145 9.12 -18.53 -7.82
CA ASN A 145 10.08 -17.44 -7.75
C ASN A 145 9.93 -16.71 -6.41
N PRO A 146 10.21 -17.42 -5.29
CA PRO A 146 9.83 -16.93 -3.97
C PRO A 146 10.48 -15.62 -3.56
N HIS A 147 11.64 -15.27 -4.14
CA HIS A 147 12.33 -14.04 -3.74
C HIS A 147 11.90 -12.84 -4.58
N ASP A 148 10.89 -13.05 -5.41
CA ASP A 148 10.39 -11.99 -6.26
C ASP A 148 9.88 -10.85 -5.38
N ARG A 149 10.07 -9.61 -5.84
CA ARG A 149 9.61 -8.44 -5.08
C ARG A 149 8.26 -7.89 -5.56
N ARG A 150 7.55 -8.66 -6.37
CA ARG A 150 6.25 -8.25 -6.91
C ARG A 150 5.12 -9.18 -6.49
N ILE A 151 5.22 -9.82 -5.34
CA ILE A 151 4.17 -10.76 -4.90
C ILE A 151 3.06 -9.96 -4.22
N ILE A 152 2.17 -9.43 -5.06
CA ILE A 152 1.18 -8.45 -4.64
C ILE A 152 -0.21 -8.90 -5.02
N MET A 153 -1.18 -8.68 -4.13
CA MET A 153 -2.58 -8.83 -4.49
C MET A 153 -3.26 -7.50 -4.11
N CYS A 154 -3.90 -6.83 -5.07
CA CYS A 154 -4.40 -5.47 -4.85
C CYS A 154 -5.91 -5.43 -5.04
N ALA A 155 -6.63 -4.76 -4.12
CA ALA A 155 -8.10 -4.68 -4.21
C ALA A 155 -8.56 -3.30 -4.67
N TRP A 156 -7.64 -2.35 -4.75
CA TRP A 156 -8.01 -0.99 -5.11
C TRP A 156 -7.97 -0.76 -6.63
N ASN A 157 -9.14 -0.71 -7.24
CA ASN A 157 -9.27 -0.33 -8.64
C ASN A 157 -10.17 0.91 -8.70
N PRO A 158 -9.59 2.11 -8.86
CA PRO A 158 -10.41 3.33 -8.76
C PRO A 158 -11.51 3.38 -9.82
N ALA A 159 -11.28 2.75 -10.97
CA ALA A 159 -12.26 2.77 -12.05
C ALA A 159 -13.51 1.96 -11.68
N ASP A 160 -13.39 1.08 -10.68
CA ASP A 160 -14.51 0.24 -10.24
C ASP A 160 -15.23 0.76 -8.99
N LEU A 161 -14.72 1.82 -8.35
CA LEU A 161 -15.25 2.25 -7.05
C LEU A 161 -16.74 2.56 -7.06
N SER A 162 -17.20 3.24 -8.10
CA SER A 162 -18.59 3.67 -8.15
C SER A 162 -19.55 2.49 -8.28
N LEU A 163 -19.02 1.32 -8.61
CA LEU A 163 -19.85 0.12 -8.74
C LEU A 163 -19.85 -0.72 -7.47
N MET A 164 -18.95 -0.41 -6.54
CA MET A 164 -18.86 -1.21 -5.32
C MET A 164 -19.85 -0.77 -4.27
N ALA A 165 -20.41 -1.74 -3.55
CA ALA A 165 -21.25 -1.42 -2.41
C ALA A 165 -20.45 -0.58 -1.40
N LEU A 166 -19.22 -1.02 -1.14
CA LEU A 166 -18.27 -0.33 -0.26
C LEU A 166 -16.90 -0.34 -0.95
N PRO A 167 -16.15 0.77 -0.85
CA PRO A 167 -14.75 0.72 -1.31
C PRO A 167 -13.91 -0.09 -0.32
N PRO A 168 -12.93 -0.87 -0.82
CA PRO A 168 -12.16 -1.71 0.11
C PRO A 168 -11.33 -0.89 1.08
N CYS A 169 -11.20 -1.33 2.33
CA CYS A 169 -10.31 -0.71 3.30
CA CYS A 169 -10.28 -0.66 3.25
C CYS A 169 -8.91 -1.32 3.23
N HIS A 170 -8.87 -2.56 2.72
CA HIS A 170 -7.62 -3.30 2.60
C HIS A 170 -7.12 -3.22 1.17
N LEU A 171 -6.18 -2.30 0.94
CA LEU A 171 -5.86 -1.92 -0.43
C LEU A 171 -5.04 -2.98 -1.13
N LEU A 172 -4.06 -3.50 -0.41
CA LEU A 172 -3.23 -4.54 -1.00
C LEU A 172 -2.46 -5.31 0.05
N CYS A 173 -2.07 -6.52 -0.31
CA CYS A 173 -1.15 -7.26 0.52
C CYS A 173 0.05 -7.66 -0.33
N GLN A 174 1.22 -7.64 0.30
CA GLN A 174 2.46 -8.09 -0.33
C GLN A 174 3.01 -9.27 0.45
N PHE A 175 3.56 -10.26 -0.26
CA PHE A 175 4.15 -11.41 0.43
C PHE A 175 5.66 -11.47 0.21
N TYR A 176 6.35 -12.15 1.13
CA TYR A 176 7.80 -12.19 1.18
C TYR A 176 8.23 -13.56 1.68
N VAL A 177 9.25 -14.14 1.04
CA VAL A 177 9.71 -15.46 1.45
C VAL A 177 11.19 -15.38 1.81
N ALA A 178 11.53 -15.86 3.01
CA ALA A 178 12.93 -15.90 3.47
C ALA A 178 13.09 -17.07 4.43
N ASP A 179 14.15 -17.85 4.22
CA ASP A 179 14.50 -18.95 5.12
C ASP A 179 13.32 -19.86 5.42
N GLY A 180 12.59 -20.22 4.38
CA GLY A 180 11.51 -21.18 4.50
C GLY A 180 10.23 -20.62 5.12
N GLU A 181 10.17 -19.31 5.30
CA GLU A 181 9.01 -18.66 5.94
C GLU A 181 8.31 -17.67 5.02
N LEU A 182 6.98 -17.64 5.08
CA LEU A 182 6.17 -16.71 4.28
C LEU A 182 5.65 -15.60 5.18
N SER A 183 5.96 -14.35 4.82
CA SER A 183 5.45 -13.20 5.56
C SER A 183 4.51 -12.40 4.68
N CYS A 184 3.71 -11.54 5.31
CA CYS A 184 2.70 -10.77 4.61
C CYS A 184 2.65 -9.38 5.21
N GLN A 185 2.60 -8.36 4.34
CA GLN A 185 2.31 -7.01 4.81
C GLN A 185 1.00 -6.53 4.18
N LEU A 186 0.11 -6.01 5.02
CA LEU A 186 -1.15 -5.44 4.55
C LEU A 186 -1.06 -3.92 4.58
N TYR A 187 -1.44 -3.24 3.50
CA TYR A 187 -1.66 -1.79 3.59
C TYR A 187 -3.16 -1.54 3.74
N GLN A 188 -3.56 -1.02 4.89
CA GLN A 188 -4.96 -0.76 5.15
C GLN A 188 -5.20 0.75 5.20
N ARG A 189 -6.01 1.28 4.28
CA ARG A 189 -6.17 2.75 4.14
C ARG A 189 -6.98 3.33 5.30
N SER A 190 -7.79 2.50 5.92
CA SER A 190 -8.75 2.97 6.90
C SER A 190 -8.95 1.87 7.91
N GLY A 191 -8.63 2.16 9.17
CA GLY A 191 -8.76 1.18 10.24
C GLY A 191 -9.75 1.65 11.27
N ASP A 192 -10.90 0.97 11.31
CA ASP A 192 -11.91 1.18 12.34
C ASP A 192 -11.38 0.41 13.55
N MET A 193 -10.72 1.12 14.47
CA MET A 193 -9.90 0.45 15.45
C MET A 193 -10.75 -0.39 16.39
N GLY A 194 -11.97 0.09 16.67
CA GLY A 194 -12.87 -0.59 17.59
C GLY A 194 -13.54 -1.81 16.99
N LEU A 195 -14.12 -1.64 15.81
CA LEU A 195 -15.00 -2.68 15.26
C LEU A 195 -14.28 -3.62 14.32
N GLY A 196 -13.28 -3.09 13.62
CA GLY A 196 -12.71 -3.83 12.52
C GLY A 196 -11.32 -4.39 12.70
N VAL A 197 -10.41 -3.59 13.26
CA VAL A 197 -9.00 -3.93 13.13
C VAL A 197 -8.59 -5.30 13.73
N PRO A 198 -9.11 -5.69 14.92
CA PRO A 198 -8.80 -7.06 15.39
C PRO A 198 -9.21 -8.17 14.40
N PHE A 199 -10.40 -8.00 13.81
CA PHE A 199 -10.91 -8.93 12.80
C PHE A 199 -9.99 -8.91 11.57
N ASN A 200 -9.58 -7.71 11.15
CA ASN A 200 -8.70 -7.57 9.97
C ASN A 200 -7.34 -8.26 10.15
N ILE A 201 -6.76 -8.14 11.35
CA ILE A 201 -5.48 -8.78 11.65
C ILE A 201 -5.63 -10.30 11.49
N ALA A 202 -6.75 -10.82 11.98
CA ALA A 202 -7.02 -12.26 11.87
C ALA A 202 -7.18 -12.69 10.41
N SER A 203 -7.88 -11.89 9.63
CA SER A 203 -8.13 -12.21 8.21
C SER A 203 -6.83 -12.43 7.44
N TYR A 204 -5.92 -11.48 7.55
CA TYR A 204 -4.71 -11.57 6.73
C TYR A 204 -3.70 -12.52 7.31
N SER A 205 -3.75 -12.75 8.62
CA SER A 205 -2.90 -13.75 9.24
C SER A 205 -3.36 -15.14 8.79
N LEU A 206 -4.68 -15.32 8.72
CA LEU A 206 -5.23 -16.57 8.20
C LEU A 206 -4.84 -16.80 6.73
N LEU A 207 -4.98 -15.75 5.92
CA LEU A 207 -4.59 -15.84 4.53
C LEU A 207 -3.15 -16.30 4.39
N THR A 208 -2.28 -15.77 5.26
CA THR A 208 -0.88 -16.14 5.21
C THR A 208 -0.66 -17.60 5.62
N TYR A 209 -1.38 -18.07 6.64
CA TYR A 209 -1.31 -19.49 7.00
C TYR A 209 -1.71 -20.38 5.83
N MET A 210 -2.76 -19.99 5.12
CA MET A 210 -3.29 -20.80 4.03
C MET A 210 -2.30 -20.86 2.88
N LEU A 211 -1.76 -19.70 2.52
CA LEU A 211 -0.78 -19.64 1.45
C LEU A 211 0.47 -20.43 1.78
N ALA A 212 0.91 -20.35 3.04
CA ALA A 212 2.11 -21.06 3.47
C ALA A 212 1.87 -22.56 3.34
N HIS A 213 0.69 -22.99 3.77
CA HIS A 213 0.30 -24.40 3.72
C HIS A 213 0.32 -24.93 2.30
N VAL A 214 -0.33 -24.20 1.40
CA VAL A 214 -0.42 -24.62 0.00
C VAL A 214 0.95 -24.65 -0.68
N THR A 215 1.89 -23.82 -0.23
CA THR A 215 3.17 -23.69 -0.91
C THR A 215 4.35 -24.39 -0.24
N GLY A 216 4.09 -25.10 0.86
CA GLY A 216 5.15 -25.84 1.54
C GLY A 216 6.08 -24.99 2.40
N LEU A 217 5.57 -23.82 2.81
CA LEU A 217 6.33 -22.92 3.66
C LEU A 217 5.74 -22.88 5.07
N ARG A 218 6.46 -22.28 6.02
CA ARG A 218 5.91 -22.03 7.35
C ARG A 218 5.53 -20.55 7.46
N PRO A 219 4.46 -20.24 8.20
CA PRO A 219 4.13 -18.82 8.40
C PRO A 219 5.23 -18.06 9.16
N GLY A 220 5.59 -16.87 8.68
CA GLY A 220 6.59 -16.05 9.34
C GLY A 220 6.02 -14.91 10.16
N GLU A 221 5.87 -13.75 9.52
CA GLU A 221 5.36 -12.55 10.19
C GLU A 221 4.20 -11.93 9.44
N PHE A 222 3.28 -11.30 10.16
CA PHE A 222 2.29 -10.41 9.53
C PHE A 222 2.57 -8.97 9.94
N ILE A 223 2.84 -8.10 8.95
CA ILE A 223 3.08 -6.69 9.20
C ILE A 223 1.83 -5.91 8.84
N HIS A 224 1.28 -5.23 9.84
CA HIS A 224 0.02 -4.50 9.66
C HIS A 224 0.32 -3.02 9.51
N THR A 225 0.07 -2.46 8.32
CA THR A 225 0.35 -1.04 8.11
C THR A 225 -0.95 -0.30 7.93
N LEU A 226 -1.14 0.76 8.71
CA LEU A 226 -2.37 1.57 8.65
C LEU A 226 -2.16 2.95 8.08
N GLY A 227 -3.17 3.41 7.33
CA GLY A 227 -3.28 4.80 6.91
C GLY A 227 -4.04 5.57 7.99
N ASP A 228 -5.32 5.85 7.74
CA ASP A 228 -6.18 6.55 8.69
C ASP A 228 -6.66 5.57 9.76
N ALA A 229 -5.98 5.59 10.91
CA ALA A 229 -6.35 4.74 12.04
C ALA A 229 -7.27 5.54 12.96
N HIS A 230 -8.52 5.10 13.09
CA HIS A 230 -9.49 5.95 13.78
C HIS A 230 -10.38 5.22 14.77
N ILE A 231 -10.87 6.00 15.72
CA ILE A 231 -11.83 5.55 16.71
C ILE A 231 -13.08 6.41 16.57
N TYR A 232 -14.22 5.78 16.26
CA TYR A 232 -15.49 6.50 16.29
C TYR A 232 -15.81 6.89 17.72
N LYS A 233 -16.35 8.09 17.91
CA LYS A 233 -16.59 8.60 19.27
C LYS A 233 -17.50 7.69 20.09
N THR A 234 -18.46 7.03 19.44
CA THR A 234 -19.36 6.13 20.15
C THR A 234 -18.67 4.84 20.62
N HIS A 235 -17.44 4.61 20.18
CA HIS A 235 -16.68 3.43 20.61
C HIS A 235 -15.74 3.74 21.78
N ILE A 236 -15.60 5.00 22.16
CA ILE A 236 -14.57 5.32 23.13
C ILE A 236 -14.83 4.65 24.50
N GLU A 237 -16.06 4.69 24.98
CA GLU A 237 -16.37 4.06 26.27
C GLU A 237 -16.12 2.54 26.32
N PRO A 238 -16.63 1.78 25.32
CA PRO A 238 -16.29 0.36 25.38
C PRO A 238 -14.79 0.10 25.19
N LEU A 239 -14.09 0.95 24.45
CA LEU A 239 -12.65 0.75 24.31
C LEU A 239 -11.91 1.07 25.63
N ARG A 240 -12.40 2.04 26.40
CA ARG A 240 -11.83 2.30 27.73
C ARG A 240 -11.88 1.04 28.60
N LEU A 241 -12.99 0.31 28.51
CA LEU A 241 -13.15 -0.97 29.21
C LEU A 241 -12.14 -1.98 28.69
N GLN A 242 -12.04 -2.11 27.36
CA GLN A 242 -11.13 -3.08 26.79
C GLN A 242 -9.70 -2.84 27.27
N LEU A 243 -9.30 -1.58 27.35
CA LEU A 243 -7.94 -1.22 27.69
C LEU A 243 -7.58 -1.56 29.15
N THR A 244 -8.59 -1.87 29.97
CA THR A 244 -8.29 -2.30 31.35
C THR A 244 -7.96 -3.79 31.43
N ARG A 245 -8.09 -4.49 30.32
CA ARG A 245 -7.88 -5.94 30.29
C ARG A 245 -6.47 -6.37 29.92
N THR A 246 -5.95 -7.40 30.60
CA THR A 246 -4.63 -7.91 30.28
C THR A 246 -4.72 -8.99 29.21
N PRO A 247 -3.89 -8.86 28.17
CA PRO A 247 -3.85 -9.91 27.13
C PRO A 247 -3.53 -11.29 27.68
N ARG A 248 -4.20 -12.28 27.11
CA ARG A 248 -3.90 -13.67 27.40
C ARG A 248 -3.07 -14.23 26.27
N PRO A 249 -2.31 -15.32 26.52
CA PRO A 249 -1.54 -15.98 25.47
C PRO A 249 -2.37 -16.22 24.21
N PHE A 250 -1.79 -15.91 23.06
CA PHE A 250 -2.47 -16.17 21.79
C PHE A 250 -2.77 -17.65 21.60
N PRO A 251 -3.83 -17.97 20.86
CA PRO A 251 -4.09 -19.37 20.49
C PRO A 251 -3.10 -19.87 19.44
N ARG A 252 -3.21 -21.16 19.09
CA ARG A 252 -2.47 -21.72 17.98
C ARG A 252 -3.45 -22.11 16.89
N LEU A 253 -2.99 -22.13 15.65
CA LEU A 253 -3.80 -22.53 14.52
C LEU A 253 -3.20 -23.75 13.86
N GLU A 254 -3.98 -24.83 13.74
CA GLU A 254 -3.52 -26.02 13.04
C GLU A 254 -4.41 -26.24 11.82
N ILE A 255 -3.82 -26.75 10.75
CA ILE A 255 -4.58 -27.10 9.57
C ILE A 255 -4.62 -28.63 9.46
N LEU A 256 -5.84 -29.18 9.38
CA LEU A 256 -6.10 -30.58 9.71
C LEU A 256 -5.93 -31.57 8.57
N ARG A 257 -5.57 -31.07 7.40
CA ARG A 257 -5.66 -31.84 6.18
C ARG A 257 -4.62 -31.29 5.23
N SER A 258 -4.11 -32.14 4.34
CA SER A 258 -3.24 -31.65 3.28
C SER A 258 -4.09 -31.02 2.18
N VAL A 259 -3.91 -29.73 1.95
CA VAL A 259 -4.69 -29.02 0.95
C VAL A 259 -3.78 -28.43 -0.11
N SER A 260 -4.06 -28.73 -1.37
CA SER A 260 -3.12 -28.45 -2.44
C SER A 260 -3.41 -27.15 -3.18
N SER A 261 -4.59 -26.57 -2.92
CA SER A 261 -5.02 -25.38 -3.64
C SER A 261 -5.78 -24.43 -2.71
N MET A 262 -5.66 -23.12 -2.99
CA MET A 262 -6.29 -22.10 -2.16
C MET A 262 -7.81 -22.11 -2.24
N GLU A 263 -8.33 -22.88 -3.19
CA GLU A 263 -9.77 -22.95 -3.41
C GLU A 263 -10.38 -24.18 -2.73
N GLU A 264 -9.54 -25.07 -2.24
CA GLU A 264 -10.01 -26.35 -1.71
C GLU A 264 -10.16 -26.36 -0.19
N PHE A 265 -9.85 -25.24 0.46
CA PHE A 265 -10.03 -25.15 1.90
C PHE A 265 -11.52 -25.10 2.26
N THR A 266 -11.86 -25.71 3.39
CA THR A 266 -13.18 -25.59 3.97
C THR A 266 -13.01 -25.10 5.40
N PRO A 267 -14.06 -24.49 5.98
CA PRO A 267 -13.93 -23.98 7.35
C PRO A 267 -13.46 -25.04 8.35
N ASP A 268 -13.81 -26.31 8.11
CA ASP A 268 -13.46 -27.36 9.06
C ASP A 268 -12.01 -27.83 8.95
N ASP A 269 -11.26 -27.26 8.00
CA ASP A 269 -9.83 -27.56 7.90
C ASP A 269 -9.00 -26.85 8.96
N PHE A 270 -9.64 -25.93 9.69
CA PHE A 270 -8.91 -25.10 10.64
C PHE A 270 -9.22 -25.42 12.08
N ARG A 271 -8.16 -25.71 12.83
CA ARG A 271 -8.28 -26.01 14.25
C ARG A 271 -7.63 -24.90 15.06
N LEU A 272 -8.47 -24.14 15.77
CA LEU A 272 -7.99 -23.08 16.65
C LEU A 272 -7.81 -23.62 18.08
N VAL A 273 -6.58 -23.59 18.57
CA VAL A 273 -6.23 -24.25 19.82
C VAL A 273 -6.03 -23.26 20.96
N ASP A 274 -6.80 -23.44 22.01
CA ASP A 274 -6.61 -22.68 23.25
C ASP A 274 -6.83 -21.18 23.08
N TYR A 275 -7.94 -20.83 22.43
CA TYR A 275 -8.35 -19.44 22.36
C TYR A 275 -9.18 -19.13 23.59
N CYS A 276 -8.64 -18.30 24.48
CA CYS A 276 -9.34 -17.97 25.72
C CYS A 276 -9.48 -16.47 25.89
N PRO A 277 -10.31 -15.84 25.05
CA PRO A 277 -10.41 -14.38 25.14
C PRO A 277 -11.18 -13.90 26.35
N HIS A 278 -10.96 -12.64 26.71
CA HIS A 278 -11.92 -11.86 27.48
C HIS A 278 -13.23 -11.77 26.70
N PRO A 279 -14.35 -11.47 27.38
CA PRO A 279 -15.67 -11.44 26.74
C PRO A 279 -15.82 -10.48 25.57
N THR A 280 -16.71 -10.85 24.67
CA THR A 280 -17.16 -9.98 23.60
C THR A 280 -17.44 -8.57 24.09
N ILE A 281 -17.01 -7.58 23.32
CA ILE A 281 -17.37 -6.20 23.60
C ILE A 281 -18.16 -5.62 22.43
N ARG A 282 -19.41 -5.25 22.69
CA ARG A 282 -20.26 -4.61 21.68
C ARG A 282 -19.92 -3.13 21.58
N MET A 283 -19.48 -2.70 20.40
CA MET A 283 -19.04 -1.34 20.22
C MET A 283 -20.21 -0.39 20.02
N PRO B 1 16.09 13.77 17.68
CA PRO B 1 17.02 13.13 16.77
C PRO B 1 16.77 13.57 15.34
N HIS B 2 17.85 13.82 14.59
CA HIS B 2 17.77 14.15 13.17
C HIS B 2 17.06 13.02 12.43
N GLU B 3 16.05 13.37 11.64
CA GLU B 3 15.22 12.35 10.99
C GLU B 3 15.96 11.47 9.97
N GLU B 4 17.08 11.95 9.43
CA GLU B 4 17.84 11.14 8.50
C GLU B 4 18.45 9.90 9.18
N LEU B 5 18.57 9.95 10.50
CA LEU B 5 19.04 8.80 11.27
C LEU B 5 18.14 7.58 11.10
N GLN B 6 16.85 7.79 10.79
CA GLN B 6 15.97 6.66 10.53
C GLN B 6 16.47 5.87 9.31
N TYR B 7 16.75 6.57 8.22
CA TYR B 7 17.26 5.94 7.01
C TYR B 7 18.59 5.24 7.30
N LEU B 8 19.47 5.89 8.04
CA LEU B 8 20.78 5.31 8.32
C LEU B 8 20.62 4.07 9.22
N ARG B 9 19.70 4.13 10.18
CA ARG B 9 19.38 2.97 11.01
C ARG B 9 18.85 1.81 10.18
N GLN B 10 18.00 2.11 9.21
CA GLN B 10 17.47 1.07 8.34
C GLN B 10 18.60 0.38 7.57
N LEU B 11 19.58 1.15 7.09
CA LEU B 11 20.75 0.57 6.45
C LEU B 11 21.46 -0.39 7.39
N ARG B 12 21.73 0.09 8.59
CA ARG B 12 22.45 -0.72 9.58
C ARG B 12 21.70 -2.00 9.91
N GLU B 13 20.38 -1.92 10.03
CA GLU B 13 19.58 -3.11 10.34
C GLU B 13 19.65 -4.13 9.21
N ILE B 14 19.58 -3.67 7.96
CA ILE B 14 19.65 -4.58 6.83
C ILE B 14 21.03 -5.25 6.76
N LEU B 15 22.08 -4.48 6.97
CA LEU B 15 23.42 -5.06 6.98
C LEU B 15 23.60 -6.08 8.10
N CYS B 16 22.99 -5.78 9.24
CA CYS B 16 23.15 -6.62 10.43
C CYS B 16 22.38 -7.93 10.32
N ARG B 17 21.10 -7.86 9.97
CA ARG B 17 20.28 -9.06 10.02
C ARG B 17 19.45 -9.30 8.76
N GLY B 18 19.78 -8.60 7.68
CA GLY B 18 19.14 -8.84 6.40
C GLY B 18 19.30 -10.27 5.92
N SER B 19 18.27 -10.75 5.23
CA SER B 19 18.32 -12.05 4.61
C SER B 19 19.16 -11.98 3.33
N ASP B 20 20.03 -12.96 3.18
CA ASP B 20 20.87 -13.05 2.00
C ASP B 20 20.15 -13.93 0.98
N ARG B 21 19.68 -13.30 -0.09
CA ARG B 21 18.85 -13.97 -1.07
C ARG B 21 19.27 -13.56 -2.47
N LEU B 22 19.14 -14.48 -3.41
CA LEU B 22 19.36 -14.18 -4.82
C LEU B 22 18.01 -14.11 -5.54
N ASP B 23 17.91 -13.21 -6.51
CA ASP B 23 16.69 -13.11 -7.32
C ASP B 23 16.76 -14.09 -8.49
N ARG B 24 15.86 -13.92 -9.46
CA ARG B 24 15.91 -14.70 -10.69
C ARG B 24 16.97 -14.11 -11.62
N THR B 25 17.40 -12.88 -11.30
CA THR B 25 18.48 -12.22 -12.01
C THR B 25 19.83 -12.78 -11.57
N GLY B 26 19.84 -13.44 -10.41
CA GLY B 26 21.05 -13.99 -9.84
C GLY B 26 21.80 -12.95 -9.01
N ILE B 27 21.43 -11.68 -9.20
CA ILE B 27 22.02 -10.59 -8.42
C ILE B 27 21.57 -10.70 -6.95
N GLY B 28 22.53 -10.60 -6.04
CA GLY B 28 22.24 -10.82 -4.64
C GLY B 28 21.89 -9.56 -3.91
N THR B 29 20.98 -9.68 -2.94
CA THR B 29 20.69 -8.57 -2.05
C THR B 29 20.71 -9.04 -0.63
N LEU B 30 20.87 -8.08 0.27
CA LEU B 30 20.50 -8.29 1.65
C LEU B 30 19.17 -7.60 1.84
N SER B 31 18.21 -8.24 2.51
CA SER B 31 16.91 -7.58 2.62
C SER B 31 16.17 -7.84 3.91
N LEU B 32 15.30 -6.89 4.24
CA LEU B 32 14.35 -7.02 5.33
C LEU B 32 12.98 -6.63 4.80
N PHE B 33 11.94 -7.12 5.45
CA PHE B 33 10.58 -6.91 4.97
C PHE B 33 9.75 -6.15 5.99
N GLY B 34 9.23 -4.99 5.59
CA GLY B 34 8.34 -4.23 6.45
C GLY B 34 9.10 -3.22 7.28
N MET B 35 9.10 -1.97 6.84
CA MET B 35 9.71 -0.87 7.57
C MET B 35 8.83 0.36 7.48
N GLN B 36 9.03 1.30 8.40
CA GLN B 36 8.30 2.56 8.34
C GLN B 36 9.14 3.66 8.98
N ALA B 37 9.15 4.83 8.34
CA ALA B 37 9.86 6.01 8.84
C ALA B 37 8.99 7.24 8.62
N ARG B 38 9.17 8.28 9.44
CA ARG B 38 8.38 9.52 9.34
C ARG B 38 9.28 10.73 9.14
N TYR B 39 8.94 11.56 8.16
CA TYR B 39 9.72 12.77 7.88
C TYR B 39 8.82 14.00 7.96
N SER B 40 9.16 14.93 8.84
CA SER B 40 8.40 16.17 8.96
C SER B 40 8.64 17.07 7.75
N LEU B 41 7.59 17.76 7.32
CA LEU B 41 7.66 18.63 6.14
C LEU B 41 7.38 20.07 6.51
N ARG B 42 7.07 20.30 7.79
CA ARG B 42 6.59 21.60 8.25
C ARG B 42 7.66 22.69 8.16
N ASP B 43 8.83 22.39 8.69
CA ASP B 43 9.87 23.41 8.86
C ASP B 43 11.10 23.15 8.02
N HIS B 44 11.13 22.01 7.34
CA HIS B 44 12.24 21.64 6.48
C HIS B 44 11.77 20.67 5.40
N PHE B 45 12.66 20.41 4.47
CA PHE B 45 12.40 19.47 3.40
C PHE B 45 13.39 18.33 3.51
N PRO B 46 12.91 17.08 3.58
CA PRO B 46 13.80 15.95 3.91
C PRO B 46 14.60 15.47 2.71
N LEU B 47 15.48 16.33 2.19
CA LEU B 47 16.41 15.91 1.17
C LEU B 47 17.67 15.42 1.85
N LEU B 48 18.02 14.14 1.70
CA LEU B 48 19.05 13.57 2.58
C LEU B 48 20.42 14.23 2.37
N THR B 49 21.21 14.26 3.44
CA THR B 49 22.46 15.02 3.47
C THR B 49 23.74 14.18 3.55
N THR B 50 23.64 12.89 3.87
CA THR B 50 24.87 12.10 3.98
C THR B 50 25.42 11.69 2.61
N LYS B 51 24.67 12.01 1.57
CA LYS B 51 25.18 12.02 0.20
C LYS B 51 24.38 13.06 -0.57
N ARG B 52 24.92 13.57 -1.67
CA ARG B 52 24.19 14.54 -2.47
C ARG B 52 23.13 13.85 -3.32
N VAL B 53 21.86 14.18 -3.09
CA VAL B 53 20.75 13.62 -3.84
C VAL B 53 20.49 14.45 -5.10
N PHE B 54 20.15 13.77 -6.20
CA PHE B 54 19.92 14.42 -7.50
C PHE B 54 18.59 15.20 -7.58
N TRP B 55 18.53 16.35 -6.91
CA TRP B 55 17.31 17.14 -6.82
C TRP B 55 16.71 17.53 -8.17
N ARG B 56 17.55 17.96 -9.11
CA ARG B 56 17.05 18.37 -10.42
C ARG B 56 16.31 17.22 -11.09
N GLY B 57 16.81 16.00 -10.90
CA GLY B 57 16.14 14.83 -11.43
C GLY B 57 14.83 14.55 -10.69
N VAL B 58 14.82 14.75 -9.38
CA VAL B 58 13.58 14.58 -8.60
C VAL B 58 12.48 15.46 -9.17
N VAL B 59 12.79 16.74 -9.35
CA VAL B 59 11.78 17.69 -9.81
C VAL B 59 11.31 17.38 -11.23
N GLN B 60 12.26 17.20 -12.14
CA GLN B 60 11.88 16.98 -13.53
C GLN B 60 11.09 15.68 -13.68
N GLU B 61 11.51 14.63 -12.98
CA GLU B 61 10.80 13.35 -13.11
C GLU B 61 9.36 13.44 -12.61
N LEU B 62 9.15 14.10 -11.47
CA LEU B 62 7.80 14.20 -10.93
C LEU B 62 6.88 15.00 -11.85
N LEU B 63 7.37 16.13 -12.36
CA LEU B 63 6.57 16.96 -13.24
C LEU B 63 6.18 16.22 -14.52
N TRP B 64 7.08 15.38 -15.00
CA TRP B 64 6.90 14.58 -16.21
C TRP B 64 5.79 13.56 -15.98
N PHE B 65 5.83 12.88 -14.84
CA PHE B 65 4.78 11.90 -14.58
C PHE B 65 3.43 12.57 -14.27
N LEU B 66 3.43 13.73 -13.61
CA LEU B 66 2.17 14.38 -13.30
C LEU B 66 1.39 14.77 -14.54
N LYS B 67 2.11 15.09 -15.62
CA LYS B 67 1.43 15.48 -16.85
C LYS B 67 0.99 14.24 -17.63
N GLY B 68 1.27 13.06 -17.10
CA GLY B 68 0.77 11.82 -17.65
C GLY B 68 1.67 11.16 -18.69
N SER B 69 2.88 11.67 -18.88
CA SER B 69 3.77 11.17 -19.93
C SER B 69 4.25 9.73 -19.65
N THR B 70 4.39 8.95 -20.72
CA THR B 70 5.04 7.64 -20.63
C THR B 70 6.21 7.57 -21.59
N ASP B 71 6.66 8.75 -22.02
CA ASP B 71 7.69 8.91 -23.04
C ASP B 71 9.02 9.34 -22.39
N SER B 72 9.98 8.43 -22.27
CA SER B 72 11.25 8.77 -21.63
C SER B 72 12.00 9.85 -22.42
N ARG B 73 11.73 9.98 -23.71
CA ARG B 73 12.38 11.03 -24.50
C ARG B 73 11.96 12.41 -24.03
N GLU B 74 10.72 12.52 -23.58
CA GLU B 74 10.24 13.82 -23.08
C GLU B 74 10.99 14.24 -21.82
N LEU B 75 11.34 13.29 -20.94
CA LEU B 75 12.16 13.60 -19.78
C LEU B 75 13.62 13.88 -20.18
N SER B 76 14.12 13.06 -21.09
CA SER B 76 15.49 13.19 -21.55
C SER B 76 15.75 14.58 -22.12
N ARG B 77 14.77 15.10 -22.85
CA ARG B 77 14.93 16.41 -23.48
C ARG B 77 15.08 17.55 -22.45
N THR B 78 14.63 17.33 -21.22
CA THR B 78 14.81 18.34 -20.16
C THR B 78 16.21 18.30 -19.60
N GLY B 79 16.98 17.29 -20.00
CA GLY B 79 18.32 17.10 -19.49
C GLY B 79 18.46 16.01 -18.45
N VAL B 80 17.37 15.32 -18.13
CA VAL B 80 17.42 14.31 -17.09
C VAL B 80 17.31 12.93 -17.73
N LYS B 81 18.33 12.10 -17.55
CA LYS B 81 18.46 10.88 -18.34
C LYS B 81 18.13 9.61 -17.56
N ILE B 82 17.55 9.77 -16.37
CA ILE B 82 17.40 8.61 -15.49
C ILE B 82 16.53 7.48 -16.03
N TRP B 83 15.65 7.76 -16.99
CA TRP B 83 14.81 6.72 -17.59
C TRP B 83 15.27 6.28 -18.99
N ASP B 84 16.40 6.82 -19.47
CA ASP B 84 16.77 6.57 -20.86
C ASP B 84 17.18 5.14 -21.10
N LYS B 85 17.82 4.52 -20.11
CA LYS B 85 18.23 3.12 -20.28
C LYS B 85 16.99 2.24 -20.41
N ASN B 86 15.95 2.52 -19.63
CA ASN B 86 14.71 1.75 -19.69
C ASN B 86 13.85 2.03 -20.93
N GLY B 87 14.07 3.19 -21.55
CA GLY B 87 13.29 3.54 -22.73
C GLY B 87 14.01 3.26 -24.03
N SER B 88 15.24 2.74 -23.95
CA SER B 88 16.00 2.42 -25.15
C SER B 88 15.37 1.25 -25.89
N ARG B 89 15.51 1.22 -27.22
CA ARG B 89 14.93 0.12 -28.00
C ARG B 89 15.55 -1.20 -27.60
N GLU B 90 16.82 -1.15 -27.19
CA GLU B 90 17.53 -2.33 -26.72
C GLU B 90 16.91 -2.90 -25.45
N PHE B 91 16.70 -2.06 -24.44
CA PHE B 91 16.10 -2.52 -23.20
C PHE B 91 14.68 -3.01 -23.43
N LEU B 92 13.91 -2.25 -24.20
CA LEU B 92 12.53 -2.61 -24.47
C LEU B 92 12.44 -3.95 -25.21
N ALA B 93 13.35 -4.18 -26.15
CA ALA B 93 13.36 -5.48 -26.83
C ALA B 93 13.70 -6.59 -25.86
N GLY B 94 14.63 -6.32 -24.95
CA GLY B 94 14.98 -7.27 -23.90
C GLY B 94 13.77 -7.65 -23.05
N ARG B 95 12.86 -6.71 -22.90
CA ARG B 95 11.62 -6.93 -22.16
C ARG B 95 10.53 -7.65 -22.96
N GLY B 96 10.80 -7.94 -24.23
CA GLY B 96 9.78 -8.52 -25.09
C GLY B 96 8.90 -7.48 -25.75
N LEU B 97 9.32 -6.22 -25.70
CA LEU B 97 8.56 -5.13 -26.27
C LEU B 97 9.28 -4.49 -27.45
N ALA B 98 9.70 -5.33 -28.40
CA ALA B 98 10.57 -4.88 -29.49
C ALA B 98 9.86 -4.01 -30.55
N HIS B 99 8.54 -3.95 -30.50
CA HIS B 99 7.75 -3.12 -31.42
C HIS B 99 7.73 -1.63 -31.03
N ARG B 100 8.11 -1.34 -29.80
CA ARG B 100 8.06 0.02 -29.27
C ARG B 100 9.04 0.94 -29.95
N ARG B 101 8.65 2.20 -30.15
CA ARG B 101 9.65 3.19 -30.53
C ARG B 101 10.48 3.54 -29.31
N GLU B 102 11.69 4.06 -29.56
CA GLU B 102 12.55 4.55 -28.49
C GLU B 102 11.75 5.51 -27.62
N GLY B 103 11.79 5.30 -26.30
CA GLY B 103 11.13 6.17 -25.35
C GLY B 103 9.80 5.65 -24.82
N ASP B 104 9.18 4.70 -25.53
CA ASP B 104 7.82 4.32 -25.15
C ASP B 104 7.82 3.30 -24.02
N LEU B 105 7.71 3.79 -22.80
CA LEU B 105 7.83 2.94 -21.62
C LEU B 105 6.63 2.03 -21.35
N GLY B 106 5.52 2.26 -22.05
CA GLY B 106 4.30 1.54 -21.74
C GLY B 106 3.55 2.26 -20.63
N PRO B 107 2.52 1.61 -20.06
CA PRO B 107 1.63 2.27 -19.11
C PRO B 107 2.20 2.33 -17.68
N VAL B 108 3.28 3.10 -17.54
CA VAL B 108 3.91 3.32 -16.24
C VAL B 108 3.24 4.50 -15.51
N TYR B 109 3.90 5.07 -14.51
CA TYR B 109 3.24 6.01 -13.58
C TYR B 109 2.33 7.05 -14.21
N GLY B 110 2.85 7.76 -15.21
CA GLY B 110 2.09 8.83 -15.85
C GLY B 110 0.72 8.37 -16.32
N PHE B 111 0.69 7.22 -17.00
CA PHE B 111 -0.55 6.65 -17.52
C PHE B 111 -1.48 6.18 -16.39
N GLN B 112 -0.93 5.51 -15.37
CA GLN B 112 -1.77 5.01 -14.29
C GLN B 112 -2.39 6.15 -13.49
N TRP B 113 -1.61 7.20 -13.27
CA TRP B 113 -2.08 8.32 -12.46
C TRP B 113 -3.18 9.08 -13.16
N ARG B 114 -3.12 9.18 -14.49
CA ARG B 114 -4.05 10.05 -15.19
C ARG B 114 -5.12 9.27 -15.97
N HIS B 115 -4.90 7.98 -16.19
CA HIS B 115 -5.80 7.20 -17.04
C HIS B 115 -5.99 5.76 -16.58
N PHE B 116 -6.05 5.55 -15.26
CA PHE B 116 -6.12 4.19 -14.73
C PHE B 116 -7.24 3.38 -15.36
N GLY B 117 -6.90 2.21 -15.88
CA GLY B 117 -7.88 1.30 -16.43
C GLY B 117 -8.12 1.46 -17.93
N ALA B 118 -7.58 2.52 -18.52
CA ALA B 118 -7.71 2.72 -19.97
C ALA B 118 -6.84 1.72 -20.73
N ALA B 119 -7.18 1.48 -21.99
CA ALA B 119 -6.40 0.57 -22.81
C ALA B 119 -5.19 1.28 -23.40
N TYR B 120 -3.99 0.82 -23.05
CA TYR B 120 -2.78 1.47 -23.55
C TYR B 120 -2.55 1.15 -25.02
N VAL B 121 -2.22 2.17 -25.79
CA VAL B 121 -1.88 2.02 -27.21
C VAL B 121 -0.38 2.24 -27.40
N ASP B 122 0.05 3.49 -27.38
CA ASP B 122 1.48 3.82 -27.32
C ASP B 122 1.67 5.18 -26.67
N ALA B 123 2.90 5.63 -26.61
CA ALA B 123 3.24 6.86 -25.88
C ALA B 123 2.77 8.13 -26.60
N ASP B 124 2.35 7.99 -27.85
CA ASP B 124 1.89 9.13 -28.65
C ASP B 124 0.38 9.30 -28.68
N ALA B 125 -0.36 8.29 -28.23
CA ALA B 125 -1.80 8.29 -28.33
C ALA B 125 -2.44 9.35 -27.44
N ASP B 126 -3.60 9.82 -27.86
CA ASP B 126 -4.38 10.77 -27.08
C ASP B 126 -5.34 10.00 -26.19
N TYR B 127 -5.14 10.07 -24.88
CA TYR B 127 -6.00 9.35 -23.93
C TYR B 127 -6.98 10.27 -23.21
N THR B 128 -7.16 11.49 -23.73
CA THR B 128 -8.12 12.42 -23.17
C THR B 128 -9.48 11.77 -22.92
N GLY B 129 -9.95 11.85 -21.67
CA GLY B 129 -11.24 11.30 -21.32
C GLY B 129 -11.27 9.80 -21.07
N GLN B 130 -10.14 9.13 -21.24
CA GLN B 130 -10.10 7.68 -21.06
C GLN B 130 -9.53 7.32 -19.70
N GLY B 131 -10.11 6.31 -19.05
CA GLY B 131 -9.59 5.88 -17.76
C GLY B 131 -9.92 6.82 -16.63
N PHE B 132 -9.45 6.44 -15.45
CA PHE B 132 -9.77 7.17 -14.23
C PHE B 132 -8.62 8.12 -13.85
N ASP B 133 -8.92 9.42 -13.82
CA ASP B 133 -7.89 10.43 -13.51
C ASP B 133 -7.69 10.54 -12.01
N GLN B 134 -6.72 9.80 -11.47
CA GLN B 134 -6.55 9.82 -10.03
C GLN B 134 -5.99 11.13 -9.49
N LEU B 135 -5.24 11.86 -10.30
CA LEU B 135 -4.69 13.12 -9.83
C LEU B 135 -5.82 14.13 -9.60
N SER B 136 -6.75 14.22 -10.56
CA SER B 136 -7.89 15.11 -10.39
C SER B 136 -8.75 14.67 -9.21
N TYR B 137 -8.87 13.35 -9.05
CA TYR B 137 -9.61 12.73 -7.96
C TYR B 137 -9.07 13.16 -6.59
N ILE B 138 -7.75 13.05 -6.38
CA ILE B 138 -7.25 13.37 -5.04
C ILE B 138 -7.27 14.87 -4.78
N VAL B 139 -7.05 15.68 -5.81
CA VAL B 139 -7.06 17.14 -5.61
C VAL B 139 -8.47 17.57 -5.21
N ASP B 140 -9.48 17.00 -5.88
CA ASP B 140 -10.87 17.31 -5.51
C ASP B 140 -11.19 16.92 -4.06
N LEU B 141 -10.77 15.74 -3.63
CA LEU B 141 -11.01 15.34 -2.24
C LEU B 141 -10.29 16.21 -1.23
N ILE B 142 -9.04 16.55 -1.50
CA ILE B 142 -8.28 17.34 -0.55
C ILE B 142 -8.95 18.70 -0.38
N LYS B 143 -9.46 19.24 -1.49
CA LYS B 143 -10.12 20.55 -1.46
C LYS B 143 -11.49 20.50 -0.81
N ASN B 144 -12.28 19.51 -1.19
CA ASN B 144 -13.73 19.53 -0.88
C ASN B 144 -14.21 18.53 0.15
N ASN B 145 -13.40 17.51 0.39
CA ASN B 145 -13.74 16.50 1.39
C ASN B 145 -12.45 16.05 2.09
N PRO B 146 -11.76 16.99 2.77
CA PRO B 146 -10.38 16.75 3.24
C PRO B 146 -10.24 15.62 4.26
N HIS B 147 -11.30 15.32 5.02
CA HIS B 147 -11.21 14.25 6.01
C HIS B 147 -11.62 12.89 5.46
N ASP B 148 -11.85 12.81 4.16
CA ASP B 148 -12.14 11.56 3.49
C ASP B 148 -10.99 10.57 3.68
N ARG B 149 -11.33 9.27 3.77
CA ARG B 149 -10.31 8.24 4.02
C ARG B 149 -9.95 7.46 2.75
N ARG B 150 -10.35 8.00 1.60
CA ARG B 150 -10.05 7.37 0.31
C ARG B 150 -9.21 8.25 -0.60
N ILE B 151 -8.36 9.10 -0.02
CA ILE B 151 -7.55 10.00 -0.84
C ILE B 151 -6.29 9.25 -1.28
N ILE B 152 -6.45 8.49 -2.35
CA ILE B 152 -5.45 7.51 -2.78
C ILE B 152 -5.12 7.68 -4.26
N MET B 153 -3.84 7.56 -4.61
CA MET B 153 -3.40 7.42 -5.99
C MET B 153 -2.59 6.13 -6.07
N CYS B 154 -2.94 5.25 -7.00
CA CYS B 154 -2.35 3.92 -7.07
C CYS B 154 -1.74 3.67 -8.45
N ALA B 155 -0.52 3.13 -8.48
CA ALA B 155 0.16 2.92 -9.74
C ALA B 155 0.22 1.44 -10.11
N TRP B 156 -0.27 0.57 -9.24
CA TRP B 156 -0.24 -0.87 -9.48
C TRP B 156 -1.49 -1.37 -10.22
N ASN B 157 -1.29 -1.78 -11.46
CA ASN B 157 -2.33 -2.42 -12.23
C ASN B 157 -1.76 -3.71 -12.81
N PRO B 158 -2.06 -4.85 -12.18
CA PRO B 158 -1.37 -6.09 -12.58
C PRO B 158 -1.66 -6.46 -14.04
N ALA B 159 -2.81 -6.04 -14.52
CA ALA B 159 -3.23 -6.34 -15.89
C ALA B 159 -2.32 -5.66 -16.93
N ASP B 160 -1.66 -4.57 -16.51
CA ASP B 160 -0.78 -3.79 -17.39
C ASP B 160 0.71 -4.13 -17.26
N LEU B 161 1.08 -4.97 -16.28
CA LEU B 161 2.48 -5.25 -16.02
C LEU B 161 3.32 -5.68 -17.24
N SER B 162 2.75 -6.55 -18.08
CA SER B 162 3.47 -7.10 -19.21
C SER B 162 3.76 -6.05 -20.27
N LEU B 163 3.07 -4.92 -20.19
CA LEU B 163 3.27 -3.83 -21.15
C LEU B 163 4.28 -2.79 -20.68
N MET B 164 4.68 -2.86 -19.41
CA MET B 164 5.54 -1.84 -18.84
C MET B 164 7.01 -2.15 -19.03
N ALA B 165 7.81 -1.13 -19.29
CA ALA B 165 9.27 -1.31 -19.30
C ALA B 165 9.75 -1.87 -17.96
N LEU B 166 9.18 -1.34 -16.88
CA LEU B 166 9.51 -1.73 -15.49
C LEU B 166 8.25 -1.67 -14.66
N PRO B 167 8.05 -2.64 -13.77
CA PRO B 167 6.90 -2.53 -12.86
C PRO B 167 7.13 -1.43 -11.81
N PRO B 168 6.08 -0.69 -11.44
CA PRO B 168 6.29 0.38 -10.47
C PRO B 168 6.71 -0.17 -9.11
N CYS B 169 7.63 0.51 -8.44
CA CYS B 169 8.02 0.17 -7.08
CA CYS B 169 7.99 0.14 -7.08
C CYS B 169 7.18 0.94 -6.07
N HIS B 170 6.62 2.07 -6.50
CA HIS B 170 5.81 2.91 -5.62
C HIS B 170 4.35 2.63 -5.91
N LEU B 171 3.75 1.78 -5.08
CA LEU B 171 2.47 1.20 -5.42
C LEU B 171 1.35 2.19 -5.20
N LEU B 172 1.39 2.90 -4.09
CA LEU B 172 0.36 3.89 -3.86
C LEU B 172 0.75 4.95 -2.88
N CYS B 173 0.04 6.08 -2.95
CA CYS B 173 0.22 7.10 -1.94
C CYS B 173 -1.16 7.44 -1.42
N GLN B 174 -1.22 7.68 -0.13
CA GLN B 174 -2.47 8.08 0.52
C GLN B 174 -2.24 9.40 1.21
N PHE B 175 -3.23 10.28 1.17
CA PHE B 175 -3.11 11.59 1.79
C PHE B 175 -4.09 11.77 2.92
N TYR B 176 -3.76 12.71 3.80
CA TYR B 176 -4.47 12.88 5.06
C TYR B 176 -4.46 14.35 5.42
N VAL B 177 -5.60 14.89 5.84
CA VAL B 177 -5.65 16.31 6.20
C VAL B 177 -6.07 16.49 7.66
N ALA B 178 -5.24 17.19 8.42
CA ALA B 178 -5.59 17.53 9.80
C ALA B 178 -4.89 18.81 10.21
N ASP B 179 -5.59 19.66 10.97
CA ASP B 179 -5.00 20.86 11.53
C ASP B 179 -4.39 21.77 10.46
N GLY B 180 -5.04 21.82 9.30
CA GLY B 180 -4.56 22.64 8.21
C GLY B 180 -3.31 22.10 7.53
N GLU B 181 -2.96 20.85 7.81
CA GLU B 181 -1.76 20.25 7.24
C GLU B 181 -2.06 19.01 6.37
N LEU B 182 -1.31 18.89 5.28
CA LEU B 182 -1.44 17.73 4.40
C LEU B 182 -0.31 16.74 4.62
N SER B 183 -0.65 15.49 4.92
CA SER B 183 0.35 14.44 5.08
C SER B 183 0.14 13.38 4.02
N CYS B 184 1.22 12.62 3.78
CA CYS B 184 1.24 11.61 2.72
C CYS B 184 1.93 10.36 3.24
N GLN B 185 1.33 9.20 2.96
CA GLN B 185 2.01 7.93 3.16
C GLN B 185 2.23 7.23 1.82
N LEU B 186 3.47 6.80 1.59
CA LEU B 186 3.84 6.02 0.41
C LEU B 186 3.99 4.56 0.79
N TYR B 187 3.34 3.66 0.04
CA TYR B 187 3.65 2.23 0.16
C TYR B 187 4.55 1.85 -1.01
N GLN B 188 5.80 1.51 -0.68
CA GLN B 188 6.80 1.13 -1.68
C GLN B 188 7.12 -0.37 -1.56
N ARG B 189 6.80 -1.15 -2.60
CA ARG B 189 6.95 -2.62 -2.53
C ARG B 189 8.41 -3.05 -2.52
N SER B 190 9.30 -2.19 -3.01
CA SER B 190 10.69 -2.56 -3.21
C SER B 190 11.53 -1.30 -3.07
N GLY B 191 12.45 -1.31 -2.11
CA GLY B 191 13.31 -0.15 -1.88
C GLY B 191 14.76 -0.48 -2.12
N ASP B 192 15.33 0.08 -3.18
CA ASP B 192 16.76 0.00 -3.43
C ASP B 192 17.38 1.01 -2.50
N MET B 193 17.87 0.53 -1.35
CA MET B 193 18.26 1.44 -0.28
C MET B 193 19.41 2.36 -0.71
N GLY B 194 20.30 1.86 -1.54
CA GLY B 194 21.44 2.64 -1.95
C GLY B 194 21.13 3.67 -3.03
N LEU B 195 20.58 3.21 -4.14
CA LEU B 195 20.39 4.10 -5.31
C LEU B 195 19.06 4.81 -5.29
N GLY B 196 18.04 4.17 -4.73
CA GLY B 196 16.68 4.68 -4.92
C GLY B 196 16.05 5.45 -3.78
N VAL B 197 16.10 4.88 -2.57
CA VAL B 197 15.26 5.34 -1.48
C VAL B 197 15.46 6.84 -1.11
N PRO B 198 16.70 7.36 -1.06
CA PRO B 198 16.80 8.82 -0.79
C PRO B 198 16.09 9.69 -1.82
N PHE B 199 16.27 9.34 -3.09
CA PHE B 199 15.57 9.99 -4.18
C PHE B 199 14.04 9.84 -4.02
N ASN B 200 13.60 8.63 -3.66
CA ASN B 200 12.16 8.34 -3.50
C ASN B 200 11.52 9.21 -2.40
N ILE B 201 12.22 9.37 -1.28
CA ILE B 201 11.73 10.19 -0.17
C ILE B 201 11.49 11.61 -0.66
N ALA B 202 12.44 12.12 -1.45
CA ALA B 202 12.35 13.47 -1.97
C ALA B 202 11.18 13.62 -2.94
N SER B 203 10.94 12.61 -3.77
CA SER B 203 9.88 12.67 -4.76
C SER B 203 8.52 12.86 -4.12
N TYR B 204 8.21 12.05 -3.11
CA TYR B 204 6.87 12.07 -2.57
C TYR B 204 6.70 13.22 -1.57
N SER B 205 7.81 13.66 -0.98
CA SER B 205 7.78 14.87 -0.16
C SER B 205 7.50 16.11 -1.04
N LEU B 206 8.14 16.17 -2.21
CA LEU B 206 7.86 17.24 -3.17
C LEU B 206 6.38 17.19 -3.62
N LEU B 207 5.89 15.99 -3.95
CA LEU B 207 4.49 15.85 -4.35
C LEU B 207 3.57 16.43 -3.28
N THR B 208 3.92 16.18 -2.02
CA THR B 208 3.09 16.62 -0.91
C THR B 208 3.13 18.15 -0.80
N TYR B 209 4.31 18.73 -0.98
CA TYR B 209 4.43 20.20 -1.01
C TYR B 209 3.59 20.81 -2.12
N MET B 210 3.61 20.19 -3.30
CA MET B 210 2.86 20.71 -4.44
C MET B 210 1.37 20.67 -4.19
N LEU B 211 0.89 19.53 -3.70
CA LEU B 211 -0.51 19.37 -3.41
C LEU B 211 -0.98 20.33 -2.33
N ALA B 212 -0.15 20.52 -1.30
CA ALA B 212 -0.50 21.41 -0.21
C ALA B 212 -0.68 22.82 -0.77
N HIS B 213 0.26 23.21 -1.62
CA HIS B 213 0.27 24.54 -2.21
C HIS B 213 -0.99 24.84 -3.04
N VAL B 214 -1.37 23.90 -3.90
CA VAL B 214 -2.53 24.05 -4.78
C VAL B 214 -3.84 24.07 -3.99
N THR B 215 -3.87 23.37 -2.86
CA THR B 215 -5.11 23.24 -2.10
C THR B 215 -5.20 24.19 -0.89
N GLY B 216 -4.20 25.04 -0.72
CA GLY B 216 -4.20 26.00 0.37
C GLY B 216 -3.93 25.44 1.75
N LEU B 217 -3.17 24.35 1.82
CA LEU B 217 -2.78 23.73 3.07
C LEU B 217 -1.28 23.87 3.30
N ARG B 218 -0.81 23.54 4.49
CA ARG B 218 0.61 23.47 4.78
C ARG B 218 1.04 22.01 4.74
N PRO B 219 2.28 21.72 4.33
CA PRO B 219 2.74 20.32 4.39
C PRO B 219 2.90 19.83 5.83
N GLY B 220 2.52 18.58 6.08
CA GLY B 220 2.60 18.01 7.42
C GLY B 220 3.73 17.02 7.56
N GLU B 221 3.43 15.73 7.35
CA GLU B 221 4.41 14.66 7.45
C GLU B 221 4.41 13.78 6.21
N PHE B 222 5.56 13.21 5.91
CA PHE B 222 5.65 12.15 4.91
C PHE B 222 5.99 10.84 5.62
N ILE B 223 5.11 9.85 5.48
CA ILE B 223 5.34 8.56 6.10
C ILE B 223 5.76 7.59 5.01
N HIS B 224 6.96 7.03 5.16
CA HIS B 224 7.55 6.13 4.18
C HIS B 224 7.44 4.68 4.64
N THR B 225 6.65 3.88 3.94
CA THR B 225 6.49 2.48 4.29
C THR B 225 7.07 1.59 3.22
N LEU B 226 7.95 0.67 3.64
CA LEU B 226 8.61 -0.23 2.71
C LEU B 226 8.15 -1.67 2.85
N GLY B 227 8.09 -2.36 1.71
CA GLY B 227 7.95 -3.81 1.66
C GLY B 227 9.34 -4.43 1.70
N ASP B 228 9.84 -4.85 0.54
CA ASP B 228 11.19 -5.44 0.44
C ASP B 228 12.23 -4.34 0.42
N ALA B 229 12.86 -4.09 1.57
CA ALA B 229 13.90 -3.09 1.70
C ALA B 229 15.25 -3.77 1.55
N HIS B 230 15.99 -3.45 0.50
CA HIS B 230 17.19 -4.24 0.21
C HIS B 230 18.40 -3.40 -0.13
N ILE B 231 19.56 -3.98 0.18
CA ILE B 231 20.85 -3.46 -0.24
C ILE B 231 21.47 -4.42 -1.25
N TYR B 232 21.78 -3.92 -2.43
CA TYR B 232 22.50 -4.71 -3.40
C TYR B 232 23.90 -4.95 -2.86
N LYS B 233 24.41 -6.16 -3.06
CA LYS B 233 25.69 -6.51 -2.45
C LYS B 233 26.82 -5.68 -3.04
N THR B 234 26.63 -5.22 -4.26
CA THR B 234 27.62 -4.35 -4.87
C THR B 234 27.59 -2.95 -4.25
N HIS B 235 26.58 -2.65 -3.42
CA HIS B 235 26.47 -1.34 -2.75
C HIS B 235 27.01 -1.32 -1.32
N ILE B 236 27.50 -2.46 -0.84
CA ILE B 236 27.90 -2.55 0.57
C ILE B 236 29.03 -1.57 0.93
N GLU B 237 30.07 -1.51 0.11
CA GLU B 237 31.17 -0.61 0.46
C GLU B 237 30.81 0.89 0.38
N PRO B 238 30.13 1.33 -0.70
CA PRO B 238 29.74 2.75 -0.67
C PRO B 238 28.76 3.11 0.46
N LEU B 239 27.90 2.17 0.87
CA LEU B 239 26.98 2.45 1.96
C LEU B 239 27.68 2.42 3.32
N ARG B 240 28.73 1.61 3.44
CA ARG B 240 29.51 1.59 4.67
C ARG B 240 30.22 2.93 4.84
N LEU B 241 30.66 3.50 3.72
CA LEU B 241 31.21 4.86 3.72
C LEU B 241 30.17 5.89 4.15
N GLN B 242 28.97 5.81 3.56
CA GLN B 242 27.92 6.76 3.90
C GLN B 242 27.59 6.71 5.39
N LEU B 243 27.66 5.53 5.98
CA LEU B 243 27.29 5.34 7.37
C LEU B 243 28.29 5.99 8.33
N THR B 244 29.45 6.39 7.82
CA THR B 244 30.45 7.09 8.63
C THR B 244 30.20 8.58 8.68
N ARG B 245 29.16 9.03 7.97
CA ARG B 245 28.89 10.46 7.85
C ARG B 245 27.77 10.93 8.76
N THR B 246 27.95 12.13 9.32
CA THR B 246 26.94 12.73 10.18
C THR B 246 25.99 13.60 9.37
N PRO B 247 24.67 13.41 9.53
CA PRO B 247 23.74 14.27 8.79
C PRO B 247 23.90 15.76 9.09
N ARG B 248 23.70 16.59 8.08
CA ARG B 248 23.62 18.04 8.24
C ARG B 248 22.14 18.44 8.35
N PRO B 249 21.87 19.61 8.91
CA PRO B 249 20.50 20.11 8.94
C PRO B 249 19.84 20.08 7.55
N PHE B 250 18.60 19.62 7.49
CA PHE B 250 17.86 19.53 6.22
C PHE B 250 17.71 20.92 5.58
N PRO B 251 17.59 20.97 4.25
CA PRO B 251 17.28 22.24 3.59
C PRO B 251 15.83 22.64 3.82
N ARG B 252 15.46 23.80 3.27
CA ARG B 252 14.06 24.20 3.20
C ARG B 252 13.67 24.31 1.73
N LEU B 253 12.37 24.19 1.46
CA LEU B 253 11.86 24.32 0.11
C LEU B 253 10.84 25.43 0.04
N GLU B 254 11.08 26.35 -0.90
CA GLU B 254 10.18 27.44 -1.16
C GLU B 254 9.55 27.31 -2.54
N ILE B 255 8.28 27.68 -2.63
CA ILE B 255 7.59 27.76 -3.92
C ILE B 255 7.40 29.24 -4.26
N LEU B 256 7.86 29.64 -5.45
CA LEU B 256 8.13 31.06 -5.74
C LEU B 256 6.96 31.87 -6.30
N ARG B 257 5.84 31.23 -6.57
CA ARG B 257 4.66 31.95 -7.03
C ARG B 257 3.42 31.14 -6.70
N SER B 258 2.25 31.75 -6.85
CA SER B 258 1.00 31.05 -6.65
C SER B 258 0.71 30.20 -7.87
N VAL B 259 0.53 28.90 -7.64
CA VAL B 259 0.19 27.98 -8.71
C VAL B 259 -1.13 27.33 -8.36
N SER B 260 -2.08 27.39 -9.29
CA SER B 260 -3.45 27.00 -8.95
C SER B 260 -3.79 25.59 -9.38
N SER B 261 -2.89 24.95 -10.14
CA SER B 261 -3.14 23.62 -10.66
C SER B 261 -1.87 22.80 -10.64
N MET B 262 -1.99 21.49 -10.38
CA MET B 262 -0.80 20.65 -10.33
C MET B 262 -0.07 20.64 -11.67
N GLU B 263 -0.83 20.68 -12.77
CA GLU B 263 -0.24 20.61 -14.10
C GLU B 263 0.53 21.89 -14.49
N GLU B 264 0.43 22.94 -13.68
CA GLU B 264 1.00 24.25 -14.02
C GLU B 264 2.38 24.53 -13.43
N PHE B 265 2.88 23.64 -12.59
CA PHE B 265 4.20 23.83 -11.99
C PHE B 265 5.30 23.68 -13.04
N THR B 266 6.37 24.45 -12.89
CA THR B 266 7.59 24.26 -13.68
C THR B 266 8.79 24.18 -12.74
N PRO B 267 9.93 23.67 -13.21
CA PRO B 267 11.08 23.58 -12.30
C PRO B 267 11.54 24.95 -11.79
N ASP B 268 11.26 26.01 -12.54
CA ASP B 268 11.53 27.38 -12.12
C ASP B 268 10.86 27.71 -10.77
N ASP B 269 9.75 27.03 -10.45
CA ASP B 269 8.93 27.42 -9.30
C ASP B 269 9.48 26.99 -7.95
N PHE B 270 10.53 26.17 -7.95
CA PHE B 270 11.04 25.60 -6.70
C PHE B 270 12.41 26.15 -6.34
N ARG B 271 12.55 26.59 -5.11
CA ARG B 271 13.86 27.01 -4.63
C ARG B 271 14.24 26.23 -3.39
N LEU B 272 15.34 25.50 -3.53
CA LEU B 272 15.89 24.74 -2.43
C LEU B 272 16.85 25.64 -1.67
N VAL B 273 16.60 25.81 -0.37
CA VAL B 273 17.39 26.73 0.46
C VAL B 273 18.31 25.98 1.41
N ASP B 274 19.60 26.33 1.38
CA ASP B 274 20.59 25.78 2.32
C ASP B 274 20.72 24.25 2.29
N TYR B 275 20.81 23.69 1.09
CA TYR B 275 21.15 22.27 0.98
C TYR B 275 22.66 22.11 1.02
N CYS B 276 23.15 21.47 2.07
CA CYS B 276 24.59 21.31 2.30
C CYS B 276 25.00 19.85 2.50
N PRO B 277 24.84 19.01 1.46
CA PRO B 277 25.14 17.59 1.64
C PRO B 277 26.63 17.28 1.65
N HIS B 278 26.94 16.10 2.17
CA HIS B 278 28.22 15.44 1.92
C HIS B 278 28.31 15.15 0.43
N PRO B 279 29.52 14.82 -0.07
CA PRO B 279 29.66 14.56 -1.51
C PRO B 279 28.82 13.42 -2.06
N THR B 280 28.55 13.50 -3.37
CA THR B 280 27.92 12.41 -4.11
C THR B 280 28.64 11.09 -3.89
N ILE B 281 27.88 10.04 -3.63
CA ILE B 281 28.42 8.69 -3.58
C ILE B 281 27.90 7.90 -4.78
N ARG B 282 28.80 7.55 -5.69
CA ARG B 282 28.44 6.77 -6.86
C ARG B 282 28.24 5.31 -6.47
N MET B 283 27.21 4.68 -7.03
CA MET B 283 26.99 3.26 -6.80
C MET B 283 26.66 2.56 -8.10
N GLU B 284 27.06 1.29 -8.22
CA GLU B 284 26.85 0.53 -9.45
C GLU B 284 25.37 0.46 -9.84
P PO4 C . -14.29 3.81 5.37
O1 PO4 C . -14.08 2.73 6.39
O2 PO4 C . -14.57 3.22 4.01
O3 PO4 C . -15.46 4.70 5.78
O4 PO4 C . -13.05 4.65 5.32
P PO4 D . 12.44 -4.07 -8.48
O1 PO4 D . 11.77 -4.97 -7.48
O2 PO4 D . 11.43 -3.81 -9.57
O3 PO4 D . 12.88 -2.79 -7.80
O4 PO4 D . 13.66 -4.74 -9.06
#